data_6AMN
#
_entry.id   6AMN
#
_cell.length_a   179.096
_cell.length_b   179.096
_cell.length_c   69.710
_cell.angle_alpha   90.000
_cell.angle_beta   90.000
_cell.angle_gamma   120.000
#
_symmetry.space_group_name_H-M   'P 65 2 2'
#
loop_
_entity.id
_entity.type
_entity.pdbx_description
1 polymer 'Heat shock protein 104'
2 water water
#
_entity_poly.entity_id   1
_entity_poly.type   'polypeptide(L)'
_entity_poly.pdbx_seq_one_letter_code
;QTQFTERALTILTLAQKLASDHQHPQLQPIHILAAFIETPEDGSVPYLQNLIEKGRYDYDLFKKVVNRNLVRIPQQQPAP
AEITPSYALGKVLQDAAKIQKQQKDSFIAQDHILFALFNDSSIQQIFKEAQVDIEAIKQQALELRGNTRIDSRGADTNTP
LEYLSKYAIDMTEQARQGKLDPVIGREEEIRSTIRVLARRIKSNPCLIGEPGIGKTAIIEGVAQRIIDDDVPTILQGAKL
FSLDLAALTAGAKYKGDFEERFKGVLKEIEESKTLIVLFIDEIHMLMGNGKDDAANILKPALSRGQLKVIGATTNNEYRS
IVEKDGAFERRFQKIEVAEPSVRQTVAIL
;
_entity_poly.pdbx_strand_id   A
#
# COMPACT_ATOMS: atom_id res chain seq x y z
N GLN A 1 -13.50 25.43 -15.19
CA GLN A 1 -13.58 25.69 -13.76
C GLN A 1 -13.16 24.46 -12.96
N THR A 2 -11.88 24.11 -13.04
CA THR A 2 -11.36 22.96 -12.32
C THR A 2 -10.88 23.38 -10.93
N GLN A 3 -10.85 22.40 -10.02
CA GLN A 3 -10.49 22.64 -8.63
C GLN A 3 -9.32 21.76 -8.22
N PHE A 4 -8.57 22.22 -7.23
CA PHE A 4 -7.41 21.49 -6.73
C PHE A 4 -7.83 20.44 -5.71
N THR A 5 -6.93 19.51 -5.45
CA THR A 5 -7.13 18.55 -4.38
C THR A 5 -6.66 19.16 -3.06
N GLU A 6 -6.99 18.48 -1.96
CA GLU A 6 -6.58 18.96 -0.64
C GLU A 6 -5.06 18.98 -0.51
N ARG A 7 -4.39 17.94 -1.01
CA ARG A 7 -2.94 17.89 -0.91
C ARG A 7 -2.29 18.90 -1.85
N ALA A 8 -2.90 19.13 -3.02
CA ALA A 8 -2.36 20.13 -3.94
C ALA A 8 -2.49 21.53 -3.35
N LEU A 9 -3.59 21.80 -2.64
CA LEU A 9 -3.74 23.09 -1.98
C LEU A 9 -2.71 23.27 -0.87
N THR A 10 -2.38 22.18 -0.17
CA THR A 10 -1.38 22.26 0.89
C THR A 10 -0.01 22.62 0.32
N ILE A 11 0.31 22.10 -0.87
CA ILE A 11 1.59 22.43 -1.51
C ILE A 11 1.66 23.92 -1.82
N LEU A 12 0.61 24.46 -2.44
CA LEU A 12 0.59 25.88 -2.75
C LEU A 12 0.58 26.73 -1.50
N THR A 13 -0.02 26.24 -0.42
CA THR A 13 -0.01 26.96 0.84
C THR A 13 1.39 26.98 1.44
N LEU A 14 2.05 25.83 1.47
CA LEU A 14 3.42 25.78 1.98
C LEU A 14 4.36 26.61 1.11
N ALA A 15 4.18 26.57 -0.21
CA ALA A 15 5.01 27.37 -1.10
C ALA A 15 4.83 28.85 -0.82
N GLN A 16 3.59 29.28 -0.59
CA GLN A 16 3.33 30.67 -0.24
C GLN A 16 3.96 31.01 1.11
N LYS A 17 3.98 30.04 2.03
CA LYS A 17 4.55 30.29 3.35
C LYS A 17 6.07 30.31 3.30
N LEU A 18 6.67 29.42 2.51
CA LEU A 18 8.13 29.40 2.39
C LEU A 18 8.67 30.68 1.78
N ALA A 19 7.97 31.22 0.78
CA ALA A 19 8.40 32.48 0.19
C ALA A 19 8.25 33.63 1.16
N SER A 20 7.28 33.55 2.07
CA SER A 20 7.09 34.62 3.06
C SER A 20 8.17 34.57 4.13
N ASP A 21 8.57 33.37 4.55
CA ASP A 21 9.62 33.24 5.56
C ASP A 21 10.97 33.70 5.01
N HIS A 22 11.26 33.37 3.76
CA HIS A 22 12.49 33.83 3.12
C HIS A 22 12.37 35.24 2.57
N GLN A 23 11.18 35.85 2.67
CA GLN A 23 10.93 37.20 2.19
C GLN A 23 11.33 37.36 0.72
N HIS A 24 10.69 36.56 -0.13
CA HIS A 24 11.02 36.66 -1.54
C HIS A 24 9.94 37.47 -2.27
N PRO A 25 10.35 38.26 -3.28
CA PRO A 25 9.39 39.16 -3.94
C PRO A 25 8.21 38.43 -4.56
N GLN A 26 8.46 37.40 -5.36
CA GLN A 26 7.40 36.69 -6.05
C GLN A 26 7.57 35.18 -5.86
N LEU A 27 6.44 34.47 -6.01
CA LEU A 27 6.43 33.02 -5.87
C LEU A 27 7.01 32.38 -7.12
N GLN A 28 7.95 31.47 -6.94
CA GLN A 28 8.68 30.83 -8.02
C GLN A 28 8.53 29.31 -7.96
N PRO A 29 8.80 28.61 -9.07
CA PRO A 29 8.71 27.14 -9.03
C PRO A 29 9.60 26.48 -7.99
N ILE A 30 10.71 27.13 -7.62
CA ILE A 30 11.59 26.58 -6.59
C ILE A 30 10.86 26.47 -5.26
N HIS A 31 9.87 27.35 -5.03
CA HIS A 31 9.11 27.29 -3.78
C HIS A 31 8.20 26.07 -3.74
N ILE A 32 7.53 25.77 -4.85
CA ILE A 32 6.65 24.61 -4.88
C ILE A 32 7.46 23.33 -4.69
N LEU A 33 8.64 23.27 -5.32
CA LEU A 33 9.52 22.13 -5.12
C LEU A 33 9.98 22.04 -3.67
N ALA A 34 10.28 23.17 -3.05
CA ALA A 34 10.63 23.17 -1.63
C ALA A 34 9.45 22.75 -0.77
N ALA A 35 8.23 22.99 -1.24
CA ALA A 35 7.06 22.52 -0.49
C ALA A 35 6.88 21.02 -0.60
N PHE A 36 7.40 20.41 -1.67
CA PHE A 36 7.28 18.96 -1.82
C PHE A 36 8.23 18.22 -0.88
N ILE A 37 9.41 18.79 -0.63
CA ILE A 37 10.41 18.13 0.22
C ILE A 37 10.17 18.49 1.68
N GLU A 38 9.05 19.18 1.95
CA GLU A 38 8.73 19.58 3.31
C GLU A 38 8.10 18.42 4.07
N THR A 39 8.54 18.22 5.30
CA THR A 39 8.02 17.13 6.13
C THR A 39 6.56 17.38 6.47
N PRO A 40 5.66 16.45 6.17
CA PRO A 40 4.24 16.67 6.48
C PRO A 40 3.99 16.82 7.98
N GLU A 41 2.80 17.32 8.30
CA GLU A 41 2.45 17.62 9.68
C GLU A 41 2.28 16.35 10.52
N ASP A 42 1.90 15.24 9.89
CA ASP A 42 1.64 13.99 10.59
C ASP A 42 2.82 13.03 10.54
N GLY A 43 3.99 13.49 10.09
CA GLY A 43 5.14 12.62 10.01
C GLY A 43 5.07 11.56 8.94
N SER A 44 4.11 11.64 8.03
CA SER A 44 3.98 10.66 6.96
C SER A 44 5.04 10.91 5.89
N VAL A 45 5.18 9.94 4.99
CA VAL A 45 6.19 10.01 3.93
C VAL A 45 5.72 10.99 2.85
N PRO A 46 6.52 11.98 2.49
CA PRO A 46 6.12 12.90 1.42
C PRO A 46 5.99 12.20 0.08
N TYR A 47 5.19 12.80 -0.80
CA TYR A 47 4.93 12.22 -2.11
C TYR A 47 6.19 12.17 -2.96
N LEU A 48 6.97 13.26 -2.97
CA LEU A 48 8.17 13.29 -3.80
C LEU A 48 9.29 12.43 -3.22
N GLN A 49 9.38 12.33 -1.90
CA GLN A 49 10.40 11.48 -1.29
C GLN A 49 10.22 10.03 -1.67
N ASN A 50 8.96 9.57 -1.73
CA ASN A 50 8.69 8.18 -2.09
C ASN A 50 9.14 7.90 -3.52
N LEU A 51 8.87 8.83 -4.45
CA LEU A 51 9.27 8.63 -5.84
C LEU A 51 10.78 8.56 -5.98
N ILE A 52 11.49 9.47 -5.31
CA ILE A 52 12.94 9.53 -5.44
C ILE A 52 13.60 8.35 -4.75
N GLU A 53 13.15 8.00 -3.54
CA GLU A 53 13.77 6.91 -2.81
C GLU A 53 13.52 5.56 -3.49
N LYS A 54 12.31 5.34 -4.00
CA LYS A 54 12.05 4.09 -4.71
C LYS A 54 12.82 4.04 -6.03
N GLY A 55 13.15 5.20 -6.59
CA GLY A 55 14.04 5.26 -7.73
C GLY A 55 15.49 5.01 -7.39
N ARG A 56 15.79 4.81 -6.11
CA ARG A 56 17.13 4.46 -5.62
C ARG A 56 18.11 5.63 -5.79
N TYR A 57 17.63 6.85 -5.58
CA TYR A 57 18.48 8.02 -5.59
C TYR A 57 18.73 8.50 -4.16
N ASP A 58 19.67 9.44 -4.02
CA ASP A 58 20.02 10.01 -2.72
C ASP A 58 19.07 11.17 -2.46
N TYR A 59 18.06 10.93 -1.62
CA TYR A 59 17.07 11.96 -1.33
C TYR A 59 17.65 13.06 -0.44
N ASP A 60 18.54 12.70 0.49
CA ASP A 60 19.16 13.70 1.35
C ASP A 60 19.97 14.70 0.53
N LEU A 61 20.66 14.21 -0.51
CA LEU A 61 21.39 15.11 -1.39
C LEU A 61 20.44 16.02 -2.16
N PHE A 62 19.28 15.48 -2.57
CA PHE A 62 18.32 16.29 -3.31
C PHE A 62 17.79 17.43 -2.47
N LYS A 63 17.45 17.15 -1.20
CA LYS A 63 16.99 18.21 -0.32
C LYS A 63 18.07 19.26 -0.13
N LYS A 64 19.32 18.83 0.06
CA LYS A 64 20.41 19.77 0.30
C LYS A 64 20.63 20.70 -0.89
N VAL A 65 20.34 20.23 -2.10
CA VAL A 65 20.51 21.07 -3.28
C VAL A 65 19.36 22.07 -3.42
N VAL A 66 18.13 21.62 -3.15
CA VAL A 66 16.98 22.52 -3.25
C VAL A 66 17.08 23.65 -2.25
N ASN A 67 17.56 23.34 -1.03
CA ASN A 67 17.63 24.38 0.00
C ASN A 67 18.72 25.40 -0.30
N ARG A 68 19.90 24.94 -0.73
CA ARG A 68 20.99 25.88 -0.99
C ARG A 68 20.69 26.75 -2.21
N ASN A 69 19.89 26.25 -3.15
CA ASN A 69 19.48 27.07 -4.29
C ASN A 69 18.39 28.06 -3.92
N LEU A 70 17.55 27.71 -2.94
CA LEU A 70 16.51 28.63 -2.49
C LEU A 70 17.09 29.71 -1.58
N VAL A 71 18.08 29.35 -0.76
CA VAL A 71 18.76 30.36 0.04
C VAL A 71 19.59 31.27 -0.85
N ARG A 72 20.05 30.76 -2.00
CA ARG A 72 20.83 31.56 -2.93
C ARG A 72 20.03 32.75 -3.45
N ILE A 73 18.70 32.64 -3.46
CA ILE A 73 17.83 33.72 -3.91
C ILE A 73 17.93 34.88 -2.92
N PRO A 74 18.27 36.10 -3.37
CA PRO A 74 18.41 37.22 -2.43
C PRO A 74 17.09 37.55 -1.76
N GLN A 75 17.20 38.05 -0.53
CA GLN A 75 16.05 38.42 0.29
C GLN A 75 15.80 39.92 0.17
N GLN A 76 14.61 40.29 -0.28
CA GLN A 76 14.26 41.70 -0.40
C GLN A 76 14.20 42.36 0.98
N GLN A 77 14.65 43.62 1.05
CA GLN A 77 14.77 44.27 2.36
C GLN A 77 13.42 44.48 3.02
N PRO A 78 12.45 45.21 2.42
CA PRO A 78 11.15 45.36 3.08
C PRO A 78 10.15 44.32 2.58
N ALA A 79 9.76 43.40 3.45
CA ALA A 79 8.84 42.34 3.07
C ALA A 79 7.45 42.91 2.80
N PRO A 80 6.90 42.73 1.59
CA PRO A 80 5.56 43.23 1.31
C PRO A 80 4.48 42.22 1.68
N ALA A 81 3.24 42.66 1.55
CA ALA A 81 2.07 41.84 1.83
C ALA A 81 1.47 41.22 0.57
N GLU A 82 2.13 41.38 -0.57
CA GLU A 82 1.64 40.88 -1.85
C GLU A 82 2.72 40.01 -2.48
N ILE A 83 2.57 38.70 -2.39
CA ILE A 83 3.51 37.75 -3.00
C ILE A 83 2.84 37.24 -4.27
N THR A 84 3.03 37.97 -5.36
CA THR A 84 2.44 37.59 -6.63
C THR A 84 3.21 36.41 -7.23
N PRO A 85 2.56 35.59 -8.05
CA PRO A 85 3.28 34.53 -8.75
C PRO A 85 4.10 35.09 -9.90
N SER A 86 5.25 34.47 -10.12
CA SER A 86 6.13 34.90 -11.18
C SER A 86 5.61 34.41 -12.54
N TYR A 87 6.24 34.91 -13.61
CA TYR A 87 5.87 34.47 -14.95
C TYR A 87 6.16 32.99 -15.16
N ALA A 88 7.26 32.50 -14.57
CA ALA A 88 7.60 31.09 -14.70
C ALA A 88 6.59 30.21 -13.97
N LEU A 89 6.18 30.62 -12.77
CA LEU A 89 5.20 29.84 -12.02
C LEU A 89 3.84 29.85 -12.69
N GLY A 90 3.46 30.97 -13.31
CA GLY A 90 2.18 31.04 -13.99
C GLY A 90 2.02 29.99 -15.07
N LYS A 91 3.10 29.72 -15.80
CA LYS A 91 3.06 28.67 -16.81
C LYS A 91 2.92 27.28 -16.18
N VAL A 92 3.52 27.09 -15.00
CA VAL A 92 3.42 25.79 -14.32
C VAL A 92 1.97 25.49 -13.96
N LEU A 93 1.29 26.45 -13.34
CA LEU A 93 -0.12 26.26 -13.00
C LEU A 93 -0.97 26.06 -14.24
N GLN A 94 -0.68 26.82 -15.30
CA GLN A 94 -1.40 26.65 -16.55
C GLN A 94 -1.06 25.32 -17.21
N ASP A 95 0.18 24.83 -17.04
CA ASP A 95 0.55 23.55 -17.62
C ASP A 95 -0.04 22.39 -16.84
N ALA A 96 -0.22 22.55 -15.52
CA ALA A 96 -0.81 21.48 -14.72
C ALA A 96 -2.29 21.29 -15.07
N ALA A 97 -2.98 22.35 -15.49
CA ALA A 97 -4.38 22.24 -15.83
C ALA A 97 -4.58 21.37 -17.08
N LYS A 98 -3.71 21.53 -18.08
CA LYS A 98 -3.84 20.73 -19.29
C LYS A 98 -3.35 19.30 -19.07
N ILE A 99 -2.45 19.09 -18.12
CA ILE A 99 -2.04 17.72 -17.80
C ILE A 99 -3.20 16.97 -17.16
N GLN A 100 -3.99 17.66 -16.33
CA GLN A 100 -5.17 17.04 -15.74
C GLN A 100 -6.16 16.62 -16.81
N LYS A 101 -6.46 17.51 -17.76
CA LYS A 101 -7.43 17.19 -18.81
C LYS A 101 -6.88 16.16 -19.78
N GLN A 102 -5.55 16.09 -19.92
CA GLN A 102 -4.97 15.09 -20.82
C GLN A 102 -5.16 13.68 -20.27
N GLN A 103 -5.18 13.52 -18.95
CA GLN A 103 -5.36 12.22 -18.32
C GLN A 103 -6.80 11.99 -17.87
N LYS A 104 -7.71 12.91 -18.20
CA LYS A 104 -9.14 12.76 -17.89
C LYS A 104 -9.38 12.61 -16.39
N ASP A 105 -8.78 13.50 -15.61
CA ASP A 105 -8.97 13.55 -14.17
C ASP A 105 -9.94 14.65 -13.80
N SER A 106 -10.59 14.48 -12.65
CA SER A 106 -11.60 15.43 -12.18
C SER A 106 -11.02 16.56 -11.35
N PHE A 107 -9.81 16.41 -10.82
CA PHE A 107 -9.20 17.43 -9.98
C PHE A 107 -7.71 17.56 -10.33
N ILE A 108 -7.15 18.71 -9.97
CA ILE A 108 -5.72 18.97 -10.11
C ILE A 108 -5.04 18.50 -8.84
N ALA A 109 -4.08 17.59 -8.98
CA ALA A 109 -3.45 16.93 -7.84
C ALA A 109 -1.95 17.26 -7.79
N GLN A 110 -1.25 16.61 -6.86
CA GLN A 110 0.19 16.77 -6.76
C GLN A 110 0.88 16.31 -8.04
N ASP A 111 0.41 15.19 -8.61
CA ASP A 111 1.03 14.63 -9.81
C ASP A 111 1.07 15.66 -10.94
N HIS A 112 -0.06 16.33 -11.18
CA HIS A 112 -0.13 17.31 -12.26
C HIS A 112 0.81 18.47 -12.02
N ILE A 113 0.88 18.95 -10.78
CA ILE A 113 1.80 20.04 -10.45
C ILE A 113 3.24 19.58 -10.59
N LEU A 114 3.53 18.33 -10.19
CA LEU A 114 4.88 17.81 -10.33
C LEU A 114 5.24 17.62 -11.79
N PHE A 115 4.29 17.15 -12.61
CA PHE A 115 4.56 16.99 -14.03
C PHE A 115 4.82 18.34 -14.69
N ALA A 116 3.96 19.33 -14.44
CA ALA A 116 4.17 20.66 -14.98
C ALA A 116 5.47 21.27 -14.45
N LEU A 117 5.88 20.88 -13.25
CA LEU A 117 7.16 21.36 -12.71
C LEU A 117 8.33 20.85 -13.54
N PHE A 118 8.30 19.58 -13.93
CA PHE A 118 9.38 18.95 -14.69
C PHE A 118 9.70 19.65 -15.99
N ASN A 119 8.83 20.54 -16.47
CA ASN A 119 9.06 21.25 -17.72
C ASN A 119 9.82 22.56 -17.54
N ASP A 120 9.80 23.15 -16.36
CA ASP A 120 10.49 24.41 -16.13
C ASP A 120 11.99 24.20 -16.07
N SER A 121 12.73 25.03 -16.79
CA SER A 121 14.20 24.93 -16.79
C SER A 121 14.79 25.25 -15.42
N SER A 122 14.08 26.01 -14.58
CA SER A 122 14.59 26.32 -13.26
C SER A 122 14.79 25.06 -12.43
N ILE A 123 13.78 24.20 -12.37
CA ILE A 123 13.91 22.97 -11.61
C ILE A 123 14.64 21.87 -12.39
N GLN A 124 14.75 22.00 -13.71
CA GLN A 124 15.49 21.01 -14.48
C GLN A 124 16.97 21.01 -14.10
N GLN A 125 17.56 22.20 -13.92
CA GLN A 125 18.94 22.26 -13.47
C GLN A 125 19.07 21.92 -11.99
N ILE A 126 17.98 22.00 -11.23
CA ILE A 126 18.02 21.54 -9.84
C ILE A 126 18.24 20.04 -9.78
N PHE A 127 17.54 19.29 -10.64
CA PHE A 127 17.71 17.85 -10.66
C PHE A 127 19.10 17.47 -11.20
N LYS A 128 19.58 18.19 -12.21
CA LYS A 128 20.91 17.92 -12.74
C LYS A 128 21.98 18.23 -11.69
N GLU A 129 21.81 19.33 -10.95
CA GLU A 129 22.76 19.65 -9.89
C GLU A 129 22.70 18.62 -8.76
N ALA A 130 21.53 18.01 -8.56
CA ALA A 130 21.36 16.97 -7.54
C ALA A 130 21.67 15.58 -8.08
N GLN A 131 22.02 15.45 -9.36
CA GLN A 131 22.34 14.17 -10.00
C GLN A 131 21.19 13.18 -9.83
N VAL A 132 20.00 13.61 -10.23
CA VAL A 132 18.80 12.79 -10.17
C VAL A 132 18.13 12.86 -11.54
N ASP A 133 18.04 11.71 -12.22
CA ASP A 133 17.42 11.66 -13.54
C ASP A 133 15.96 12.10 -13.45
N ILE A 134 15.65 13.27 -14.01
CA ILE A 134 14.30 13.82 -13.90
C ILE A 134 13.30 12.95 -14.67
N GLU A 135 13.75 12.26 -15.73
CA GLU A 135 12.86 11.41 -16.48
C GLU A 135 12.54 10.10 -15.77
N ALA A 136 13.40 9.69 -14.82
CA ALA A 136 13.12 8.49 -14.05
C ALA A 136 12.06 8.76 -12.98
N ILE A 137 12.10 9.96 -12.39
CA ILE A 137 11.07 10.33 -11.41
C ILE A 137 9.72 10.44 -12.10
N LYS A 138 9.70 10.91 -13.35
CA LYS A 138 8.46 10.98 -14.09
C LYS A 138 7.86 9.59 -14.30
N GLN A 139 8.70 8.61 -14.63
CA GLN A 139 8.23 7.24 -14.77
C GLN A 139 7.70 6.72 -13.45
N GLN A 140 8.37 7.04 -12.34
CA GLN A 140 7.90 6.60 -11.03
C GLN A 140 6.51 7.15 -10.73
N ALA A 141 6.26 8.41 -11.10
CA ALA A 141 4.95 8.99 -10.84
C ALA A 141 3.87 8.33 -11.69
N LEU A 142 4.22 7.90 -12.91
CA LEU A 142 3.25 7.25 -13.78
C LEU A 142 2.87 5.88 -13.24
N GLU A 143 3.86 5.09 -12.82
CA GLU A 143 3.59 3.74 -12.33
C GLU A 143 2.92 3.72 -10.97
N LEU A 144 3.03 4.80 -10.19
CA LEU A 144 2.54 4.83 -8.82
C LEU A 144 1.04 4.58 -8.72
N ARG A 145 0.23 5.52 -9.19
CA ARG A 145 -1.22 5.39 -9.10
C ARG A 145 -1.76 4.23 -9.93
N GLY A 146 -0.99 3.73 -10.89
CA GLY A 146 -1.46 2.69 -11.77
C GLY A 146 -2.37 3.26 -12.85
N ASN A 147 -3.62 2.81 -12.88
CA ASN A 147 -4.60 3.33 -13.83
C ASN A 147 -5.84 3.88 -13.14
N THR A 148 -5.84 3.95 -11.81
CA THR A 148 -6.98 4.48 -11.08
C THR A 148 -7.05 5.99 -11.25
N ARG A 149 -8.14 6.48 -11.82
CA ARG A 149 -8.32 7.90 -12.04
C ARG A 149 -8.53 8.63 -10.70
N ILE A 150 -8.41 9.94 -10.75
CA ILE A 150 -8.59 10.80 -9.58
C ILE A 150 -10.01 11.34 -9.65
N ASP A 151 -10.89 10.80 -8.80
CA ASP A 151 -12.30 11.17 -8.79
C ASP A 151 -12.67 12.10 -7.64
N SER A 152 -12.06 11.93 -6.47
CA SER A 152 -12.38 12.72 -5.29
C SER A 152 -11.28 13.74 -5.02
N ARG A 153 -11.54 14.60 -4.03
CA ARG A 153 -10.59 15.63 -3.63
C ARG A 153 -9.41 15.07 -2.85
N GLY A 154 -9.49 13.81 -2.40
CA GLY A 154 -8.40 13.20 -1.66
C GLY A 154 -7.98 11.87 -2.24
N ALA A 155 -7.91 11.79 -3.57
CA ALA A 155 -7.52 10.57 -4.26
C ALA A 155 -6.04 10.51 -4.58
N ASP A 156 -5.29 11.59 -4.36
CA ASP A 156 -3.87 11.63 -4.67
C ASP A 156 -3.03 11.45 -3.40
N THR A 157 -3.19 10.29 -2.79
CA THR A 157 -2.44 9.97 -1.58
C THR A 157 -0.95 9.89 -1.87
N ASN A 158 -0.14 10.20 -0.85
CA ASN A 158 1.31 10.23 -1.04
C ASN A 158 1.85 8.85 -1.37
N THR A 159 1.56 7.85 -0.53
CA THR A 159 2.10 6.50 -0.67
C THR A 159 0.95 5.50 -0.79
N PRO A 160 0.38 5.35 -1.97
CA PRO A 160 -0.66 4.33 -2.16
C PRO A 160 -0.09 2.93 -2.05
N LEU A 161 -1.00 1.97 -1.85
CA LEU A 161 -0.60 0.57 -1.74
C LEU A 161 -0.19 0.05 -3.11
N GLU A 162 1.05 -0.42 -3.22
CA GLU A 162 1.60 -0.95 -4.46
C GLU A 162 1.63 -2.47 -4.50
N TYR A 163 1.90 -3.11 -3.35
CA TYR A 163 2.00 -4.56 -3.30
C TYR A 163 0.68 -5.24 -3.00
N LEU A 164 -0.12 -4.68 -2.09
CA LEU A 164 -1.42 -5.25 -1.77
C LEU A 164 -2.40 -5.14 -2.93
N SER A 165 -2.18 -4.21 -3.85
CA SER A 165 -3.04 -4.07 -5.02
C SER A 165 -2.62 -5.00 -6.16
N LYS A 166 -1.33 -5.30 -6.28
CA LYS A 166 -0.87 -6.15 -7.38
C LYS A 166 -0.96 -7.64 -7.05
N TYR A 167 -0.73 -8.00 -5.78
CA TYR A 167 -0.60 -9.41 -5.41
C TYR A 167 -1.60 -9.82 -4.33
N ALA A 168 -2.69 -9.09 -4.15
CA ALA A 168 -3.69 -9.45 -3.15
C ALA A 168 -5.05 -8.95 -3.59
N ILE A 169 -6.09 -9.58 -3.06
CA ILE A 169 -7.48 -9.25 -3.37
C ILE A 169 -8.19 -8.95 -2.06
N ASP A 170 -8.84 -7.79 -2.00
CA ASP A 170 -9.57 -7.36 -0.81
C ASP A 170 -10.92 -8.07 -0.80
N MET A 171 -11.02 -9.14 -0.01
CA MET A 171 -12.27 -9.90 0.06
C MET A 171 -13.35 -9.13 0.83
N THR A 172 -12.96 -8.23 1.72
CA THR A 172 -13.94 -7.50 2.51
C THR A 172 -14.72 -6.52 1.65
N GLU A 173 -14.02 -5.65 0.91
CA GLU A 173 -14.71 -4.72 0.03
C GLU A 173 -15.46 -5.44 -1.08
N GLN A 174 -14.95 -6.59 -1.52
CA GLN A 174 -15.67 -7.37 -2.52
C GLN A 174 -16.95 -7.96 -1.94
N ALA A 175 -16.99 -8.16 -0.62
CA ALA A 175 -18.20 -8.64 0.02
C ALA A 175 -19.22 -7.52 0.21
N ARG A 176 -18.75 -6.28 0.39
CA ARG A 176 -19.68 -5.16 0.51
C ARG A 176 -20.47 -4.94 -0.77
N GLN A 177 -19.88 -5.25 -1.92
CA GLN A 177 -20.52 -5.06 -3.21
C GLN A 177 -21.34 -6.27 -3.64
N GLY A 178 -21.60 -7.21 -2.74
CA GLY A 178 -22.47 -8.34 -3.03
C GLY A 178 -21.98 -9.24 -4.13
N LYS A 179 -20.67 -9.47 -4.20
CA LYS A 179 -20.07 -10.34 -5.21
C LYS A 179 -19.78 -11.74 -4.70
N LEU A 180 -20.31 -12.10 -3.52
CA LEU A 180 -20.07 -13.40 -2.93
C LEU A 180 -21.41 -14.06 -2.60
N ASP A 181 -21.39 -15.38 -2.46
CA ASP A 181 -22.59 -16.17 -2.19
C ASP A 181 -22.37 -16.99 -0.92
N PRO A 182 -23.24 -16.87 0.10
CA PRO A 182 -23.07 -17.67 1.32
C PRO A 182 -23.37 -19.15 1.09
N VAL A 183 -22.36 -20.00 1.24
CA VAL A 183 -22.54 -21.44 1.05
C VAL A 183 -23.06 -22.04 2.34
N ILE A 184 -24.02 -22.95 2.22
CA ILE A 184 -24.65 -23.50 3.41
C ILE A 184 -23.79 -24.61 4.00
N GLY A 185 -24.13 -24.98 5.24
CA GLY A 185 -23.49 -26.11 5.90
C GLY A 185 -22.03 -25.93 6.27
N ARG A 186 -21.60 -24.70 6.56
CA ARG A 186 -20.22 -24.49 6.98
C ARG A 186 -20.09 -23.42 8.07
N GLU A 187 -21.19 -23.04 8.73
CA GLU A 187 -21.12 -22.02 9.76
C GLU A 187 -20.36 -22.51 10.99
N GLU A 188 -20.40 -23.81 11.26
CA GLU A 188 -19.67 -24.35 12.40
C GLU A 188 -18.16 -24.22 12.21
N GLU A 189 -17.69 -24.44 10.98
CA GLU A 189 -16.27 -24.31 10.69
C GLU A 189 -15.85 -22.85 10.54
N ILE A 190 -16.79 -21.98 10.15
CA ILE A 190 -16.49 -20.55 10.13
C ILE A 190 -16.35 -20.02 11.54
N ARG A 191 -17.21 -20.49 12.45
CA ARG A 191 -17.13 -20.06 13.85
C ARG A 191 -15.79 -20.44 14.47
N SER A 192 -15.26 -21.60 14.10
CA SER A 192 -13.97 -22.03 14.63
C SER A 192 -12.84 -21.15 14.10
N THR A 193 -12.88 -20.82 12.81
CA THR A 193 -11.84 -19.98 12.23
C THR A 193 -11.81 -18.61 12.89
N ILE A 194 -12.97 -18.02 13.14
CA ILE A 194 -13.02 -16.71 13.78
C ILE A 194 -12.62 -16.81 15.26
N ARG A 195 -12.97 -17.92 15.92
CA ARG A 195 -12.56 -18.11 17.31
C ARG A 195 -11.04 -18.13 17.44
N VAL A 196 -10.35 -18.72 16.47
CA VAL A 196 -8.89 -18.76 16.51
C VAL A 196 -8.31 -17.37 16.30
N LEU A 197 -8.90 -16.58 15.40
CA LEU A 197 -8.37 -15.25 15.12
C LEU A 197 -8.49 -14.33 16.32
N ALA A 198 -9.58 -14.46 17.09
CA ALA A 198 -9.74 -13.63 18.29
C ALA A 198 -8.78 -14.03 19.40
N ARG A 199 -8.26 -15.26 19.36
CA ARG A 199 -7.29 -15.72 20.33
C ARG A 199 -6.00 -14.90 20.24
N ARG A 200 -5.21 -14.94 21.30
CA ARG A 200 -3.91 -14.27 21.31
C ARG A 200 -2.75 -15.23 21.15
N ILE A 201 -2.94 -16.50 21.52
CA ILE A 201 -1.94 -17.56 21.33
C ILE A 201 -2.45 -18.47 20.22
N LYS A 202 -1.58 -18.76 19.25
CA LYS A 202 -1.95 -19.57 18.10
C LYS A 202 -3.14 -18.96 17.36
N SER A 203 -3.06 -17.66 17.11
CA SER A 203 -4.14 -16.91 16.50
C SER A 203 -4.20 -17.04 14.98
N ASN A 204 -3.47 -18.00 14.40
CA ASN A 204 -3.44 -18.16 12.95
C ASN A 204 -4.06 -19.50 12.57
N PRO A 205 -5.30 -19.53 12.10
CA PRO A 205 -5.92 -20.81 11.72
C PRO A 205 -5.38 -21.33 10.40
N CYS A 206 -5.40 -22.65 10.28
CA CYS A 206 -4.95 -23.33 9.06
C CYS A 206 -5.99 -24.38 8.69
N LEU A 207 -6.64 -24.18 7.55
CA LEU A 207 -7.68 -25.09 7.08
C LEU A 207 -7.06 -26.31 6.42
N ILE A 208 -7.50 -27.50 6.81
CA ILE A 208 -6.93 -28.76 6.35
C ILE A 208 -7.98 -29.51 5.55
N GLY A 209 -7.60 -29.93 4.35
CA GLY A 209 -8.50 -30.66 3.49
C GLY A 209 -8.01 -30.62 2.04
N GLU A 210 -8.77 -31.29 1.19
CA GLU A 210 -8.43 -31.29 -0.23
C GLU A 210 -8.94 -30.01 -0.89
N PRO A 211 -8.16 -29.41 -1.81
CA PRO A 211 -8.62 -28.20 -2.47
C PRO A 211 -9.93 -28.41 -3.21
N GLY A 212 -10.69 -27.33 -3.38
CA GLY A 212 -11.98 -27.41 -4.02
C GLY A 212 -13.06 -28.07 -3.19
N ILE A 213 -12.88 -28.12 -1.87
CA ILE A 213 -13.82 -28.80 -0.98
C ILE A 213 -14.75 -27.83 -0.27
N GLY A 214 -14.47 -26.52 -0.34
CA GLY A 214 -15.27 -25.54 0.37
C GLY A 214 -14.40 -24.64 1.22
N LYS A 215 -13.08 -24.75 1.05
CA LYS A 215 -12.17 -23.88 1.79
C LYS A 215 -12.39 -22.42 1.42
N THR A 216 -12.48 -22.13 0.13
CA THR A 216 -12.76 -20.77 -0.30
C THR A 216 -14.11 -20.28 0.19
N ALA A 217 -15.07 -21.19 0.37
CA ALA A 217 -16.36 -20.81 0.92
C ALA A 217 -16.26 -20.37 2.37
N ILE A 218 -15.33 -20.95 3.13
CA ILE A 218 -15.16 -20.57 4.52
C ILE A 218 -14.56 -19.18 4.63
N ILE A 219 -13.58 -18.87 3.78
CA ILE A 219 -12.96 -17.54 3.80
C ILE A 219 -13.98 -16.48 3.42
N GLU A 220 -14.80 -16.75 2.40
CA GLU A 220 -15.82 -15.79 2.01
C GLU A 220 -16.89 -15.62 3.08
N GLY A 221 -17.11 -16.66 3.89
CA GLY A 221 -18.04 -16.54 5.00
C GLY A 221 -17.49 -15.71 6.13
N VAL A 222 -16.17 -15.77 6.37
CA VAL A 222 -15.56 -14.94 7.39
C VAL A 222 -15.57 -13.48 6.96
N ALA A 223 -15.34 -13.23 5.67
CA ALA A 223 -15.32 -11.86 5.16
C ALA A 223 -16.68 -11.19 5.35
N GLN A 224 -17.76 -11.88 4.93
CA GLN A 224 -19.09 -11.31 5.09
C GLN A 224 -19.51 -11.23 6.55
N ARG A 225 -18.87 -12.00 7.44
CA ARG A 225 -19.15 -11.89 8.87
C ARG A 225 -18.40 -10.73 9.50
N ILE A 226 -17.34 -10.25 8.86
CA ILE A 226 -16.64 -9.05 9.34
C ILE A 226 -17.36 -7.79 8.85
N ILE A 227 -18.00 -7.86 7.68
CA ILE A 227 -18.66 -6.68 7.12
C ILE A 227 -19.83 -6.25 8.00
N ASP A 228 -20.75 -7.16 8.30
CA ASP A 228 -21.91 -6.84 9.13
C ASP A 228 -21.57 -6.79 10.62
N ASP A 229 -20.28 -6.84 10.97
CA ASP A 229 -19.82 -6.70 12.35
C ASP A 229 -20.41 -7.79 13.26
N ASP A 230 -20.27 -9.03 12.83
CA ASP A 230 -20.67 -10.19 13.63
C ASP A 230 -19.44 -10.95 14.14
N VAL A 231 -18.36 -10.22 14.42
CA VAL A 231 -17.10 -10.80 14.85
C VAL A 231 -16.78 -10.24 16.22
N PRO A 232 -15.90 -10.91 16.99
CA PRO A 232 -15.51 -10.38 18.29
C PRO A 232 -14.84 -9.03 18.22
N THR A 233 -14.44 -8.51 19.39
CA THR A 233 -13.93 -7.15 19.48
C THR A 233 -12.67 -6.95 18.63
N ILE A 234 -11.80 -7.95 18.59
CA ILE A 234 -10.49 -7.77 17.95
C ILE A 234 -10.64 -7.60 16.43
N LEU A 235 -11.64 -8.22 15.82
CA LEU A 235 -11.77 -8.24 14.37
C LEU A 235 -12.72 -7.17 13.83
N GLN A 236 -13.16 -6.24 14.68
CA GLN A 236 -14.07 -5.20 14.22
C GLN A 236 -13.34 -4.19 13.36
N GLY A 237 -13.72 -4.09 12.09
CA GLY A 237 -13.07 -3.17 11.18
C GLY A 237 -11.83 -3.70 10.51
N ALA A 238 -11.62 -5.01 10.49
CA ALA A 238 -10.44 -5.61 9.89
C ALA A 238 -10.70 -5.98 8.44
N LYS A 239 -9.71 -5.75 7.59
CA LYS A 239 -9.80 -6.11 6.18
C LYS A 239 -9.22 -7.50 5.96
N LEU A 240 -9.82 -8.25 5.04
CA LEU A 240 -9.44 -9.62 4.74
C LEU A 240 -8.90 -9.68 3.31
N PHE A 241 -7.58 -9.82 3.19
CA PHE A 241 -6.92 -9.92 1.90
C PHE A 241 -6.60 -11.37 1.56
N SER A 242 -6.47 -11.64 0.26
CA SER A 242 -6.16 -12.97 -0.25
C SER A 242 -4.93 -12.88 -1.13
N LEU A 243 -3.84 -13.49 -0.67
CA LEU A 243 -2.58 -13.44 -1.41
C LEU A 243 -2.68 -14.26 -2.69
N ASP A 244 -2.40 -13.63 -3.83
CA ASP A 244 -2.41 -14.28 -5.13
C ASP A 244 -0.99 -14.72 -5.45
N LEU A 245 -0.70 -16.01 -5.27
CA LEU A 245 0.64 -16.50 -5.57
C LEU A 245 0.92 -16.50 -7.06
N ALA A 246 -0.13 -16.64 -7.89
CA ALA A 246 0.07 -16.56 -9.33
C ALA A 246 0.51 -15.18 -9.76
N ALA A 247 0.05 -14.14 -9.07
CA ALA A 247 0.48 -12.78 -9.38
C ALA A 247 1.89 -12.52 -8.85
N LEU A 248 2.23 -13.09 -7.69
CA LEU A 248 3.59 -12.99 -7.18
C LEU A 248 4.59 -13.66 -8.12
N THR A 249 4.16 -14.72 -8.79
CA THR A 249 5.07 -15.48 -9.65
C THR A 249 5.22 -14.83 -11.02
N ALA A 250 4.12 -14.42 -11.63
CA ALA A 250 4.15 -13.85 -12.98
C ALA A 250 5.02 -12.60 -13.02
N GLY A 251 6.09 -12.66 -13.82
CA GLY A 251 7.00 -11.54 -13.99
C GLY A 251 8.26 -11.62 -13.16
N ALA A 252 8.29 -12.47 -12.14
CA ALA A 252 9.45 -12.60 -11.26
C ALA A 252 10.44 -13.56 -11.91
N LYS A 253 11.34 -13.01 -12.73
CA LYS A 253 12.31 -13.81 -13.47
C LYS A 253 13.74 -13.65 -12.94
N TYR A 254 13.92 -12.95 -11.83
CA TYR A 254 15.24 -12.75 -11.25
C TYR A 254 15.31 -13.37 -9.86
N LYS A 255 16.52 -13.75 -9.46
CA LYS A 255 16.72 -14.37 -8.15
C LYS A 255 16.37 -13.38 -7.05
N GLY A 256 15.42 -13.77 -6.20
CA GLY A 256 14.98 -12.93 -5.10
C GLY A 256 13.79 -12.05 -5.40
N ASP A 257 13.27 -12.06 -6.63
CA ASP A 257 12.13 -11.22 -6.96
C ASP A 257 10.89 -11.65 -6.19
N PHE A 258 10.66 -12.96 -6.06
CA PHE A 258 9.51 -13.44 -5.31
C PHE A 258 9.56 -13.00 -3.86
N GLU A 259 10.73 -13.11 -3.24
CA GLU A 259 10.88 -12.71 -1.84
C GLU A 259 10.72 -11.21 -1.67
N GLU A 260 11.19 -10.43 -2.65
CA GLU A 260 11.06 -8.98 -2.57
C GLU A 260 9.60 -8.55 -2.65
N ARG A 261 8.82 -9.17 -3.54
CA ARG A 261 7.40 -8.85 -3.63
C ARG A 261 6.67 -9.26 -2.36
N PHE A 262 6.97 -10.47 -1.86
CA PHE A 262 6.32 -10.95 -0.65
C PHE A 262 6.66 -10.06 0.55
N LYS A 263 7.93 -9.65 0.65
CA LYS A 263 8.32 -8.74 1.72
C LYS A 263 7.62 -7.40 1.60
N GLY A 264 7.36 -6.95 0.37
CA GLY A 264 6.65 -5.69 0.18
C GLY A 264 5.20 -5.78 0.58
N VAL A 265 4.57 -6.93 0.38
CA VAL A 265 3.19 -7.12 0.79
C VAL A 265 3.09 -7.08 2.32
N LEU A 266 3.97 -7.82 3.00
CA LEU A 266 3.93 -7.85 4.46
C LEU A 266 4.27 -6.48 5.06
N LYS A 267 5.13 -5.71 4.40
CA LYS A 267 5.48 -4.39 4.92
C LYS A 267 4.27 -3.46 4.91
N GLU A 268 3.49 -3.48 3.82
CA GLU A 268 2.29 -2.65 3.76
C GLU A 268 1.24 -3.10 4.77
N ILE A 269 1.28 -4.37 5.17
CA ILE A 269 0.35 -4.87 6.17
C ILE A 269 0.75 -4.41 7.57
N GLU A 270 2.03 -4.56 7.91
CA GLU A 270 2.48 -4.22 9.25
C GLU A 270 2.40 -2.72 9.53
N GLU A 271 2.47 -1.89 8.49
CA GLU A 271 2.35 -0.45 8.66
C GLU A 271 0.91 0.02 8.66
N SER A 272 -0.04 -0.81 8.25
CA SER A 272 -1.45 -0.43 8.26
C SER A 272 -1.93 -0.25 9.70
N LYS A 273 -2.74 0.80 9.90
CA LYS A 273 -3.23 1.08 11.25
C LYS A 273 -4.29 0.08 11.67
N THR A 274 -5.08 -0.43 10.72
CA THR A 274 -6.09 -1.43 11.02
C THR A 274 -5.51 -2.83 10.87
N LEU A 275 -5.98 -3.74 11.72
CA LEU A 275 -5.52 -5.13 11.65
C LEU A 275 -5.96 -5.76 10.34
N ILE A 276 -5.06 -6.53 9.74
CA ILE A 276 -5.29 -7.15 8.44
C ILE A 276 -5.03 -8.65 8.56
N VAL A 277 -6.00 -9.45 8.15
CA VAL A 277 -5.89 -10.89 8.15
C VAL A 277 -5.61 -11.35 6.73
N LEU A 278 -4.47 -11.98 6.51
CA LEU A 278 -4.05 -12.42 5.18
C LEU A 278 -4.33 -13.91 5.01
N PHE A 279 -5.05 -14.26 3.95
CA PHE A 279 -5.36 -15.65 3.63
C PHE A 279 -4.41 -16.14 2.55
N ILE A 280 -3.72 -17.24 2.83
CA ILE A 280 -2.74 -17.81 1.93
C ILE A 280 -3.15 -19.23 1.61
N ASP A 281 -3.67 -19.45 0.39
CA ASP A 281 -4.03 -20.78 -0.06
C ASP A 281 -2.80 -21.51 -0.55
N GLU A 282 -2.81 -22.84 -0.39
CA GLU A 282 -1.66 -23.69 -0.70
C GLU A 282 -0.40 -23.15 -0.03
N ILE A 283 -0.52 -22.88 1.27
CA ILE A 283 0.56 -22.28 2.05
C ILE A 283 1.82 -23.13 2.02
N HIS A 284 1.69 -24.42 1.70
CA HIS A 284 2.87 -25.29 1.63
C HIS A 284 3.82 -24.84 0.53
N MET A 285 3.31 -24.16 -0.50
CA MET A 285 4.16 -23.64 -1.57
C MET A 285 4.86 -22.36 -1.13
N LEU A 286 5.03 -22.19 0.18
CA LEU A 286 5.65 -21.00 0.75
C LEU A 286 6.52 -21.39 1.93
N MET A 287 5.97 -22.20 2.83
CA MET A 287 6.67 -22.65 4.03
C MET A 287 7.30 -24.02 3.87
N GLY A 288 7.04 -24.73 2.77
CA GLY A 288 7.58 -26.07 2.59
C GLY A 288 8.45 -26.21 1.37
N ASN A 289 8.85 -27.45 1.07
CA ASN A 289 9.71 -27.76 -0.08
C ASN A 289 11.05 -27.02 0.00
N GLY A 290 11.56 -26.87 1.22
CA GLY A 290 12.85 -26.23 1.42
C GLY A 290 12.89 -24.75 1.10
N LYS A 291 11.74 -24.07 1.12
CA LYS A 291 11.68 -22.63 0.86
C LYS A 291 11.87 -21.90 2.18
N ASP A 292 13.14 -21.69 2.55
CA ASP A 292 13.44 -21.08 3.84
C ASP A 292 13.35 -19.56 3.80
N ASP A 293 13.59 -18.95 2.63
CA ASP A 293 13.57 -17.49 2.54
C ASP A 293 12.18 -16.93 2.81
N ALA A 294 11.15 -17.53 2.19
CA ALA A 294 9.79 -17.06 2.44
C ALA A 294 9.36 -17.32 3.87
N ALA A 295 9.82 -18.43 4.47
CA ALA A 295 9.46 -18.73 5.84
C ALA A 295 10.06 -17.72 6.81
N ASN A 296 11.27 -17.24 6.52
CA ASN A 296 11.94 -16.27 7.37
C ASN A 296 11.38 -14.86 7.23
N ILE A 297 10.42 -14.66 6.34
CA ILE A 297 9.73 -13.38 6.21
C ILE A 297 8.40 -13.39 6.96
N LEU A 298 7.69 -14.52 6.94
CA LEU A 298 6.38 -14.60 7.55
C LEU A 298 6.47 -14.87 9.05
N LYS A 299 7.38 -15.76 9.46
CA LYS A 299 7.47 -16.12 10.88
C LYS A 299 7.80 -14.93 11.77
N PRO A 300 8.76 -14.05 11.45
CA PRO A 300 8.97 -12.88 12.31
C PRO A 300 7.81 -11.91 12.29
N ALA A 301 7.12 -11.79 11.15
CA ALA A 301 5.98 -10.88 11.08
C ALA A 301 4.83 -11.35 11.97
N LEU A 302 4.61 -12.67 12.04
CA LEU A 302 3.56 -13.19 12.91
C LEU A 302 3.86 -12.93 14.38
N SER A 303 5.14 -12.85 14.74
CA SER A 303 5.51 -12.62 16.13
C SER A 303 5.23 -11.18 16.56
N ARG A 304 5.30 -10.23 15.61
CA ARG A 304 5.06 -8.83 15.96
C ARG A 304 3.59 -8.54 16.24
N GLY A 305 2.69 -9.41 15.81
CA GLY A 305 1.29 -9.31 16.16
C GLY A 305 0.42 -8.53 15.20
N GLN A 306 1.00 -7.65 14.37
CA GLN A 306 0.19 -6.83 13.48
C GLN A 306 -0.48 -7.65 12.39
N LEU A 307 0.05 -8.83 12.08
CA LEU A 307 -0.47 -9.66 11.00
C LEU A 307 -1.03 -10.97 11.56
N LYS A 308 -2.23 -11.34 11.07
CA LYS A 308 -2.82 -12.64 11.32
C LYS A 308 -2.99 -13.35 9.99
N VAL A 309 -2.72 -14.65 9.96
CA VAL A 309 -2.68 -15.42 8.73
C VAL A 309 -3.64 -16.59 8.82
N ILE A 310 -4.42 -16.81 7.76
CA ILE A 310 -5.25 -17.99 7.61
C ILE A 310 -4.62 -18.87 6.54
N GLY A 311 -4.08 -20.01 6.96
CA GLY A 311 -3.44 -20.91 6.03
C GLY A 311 -4.40 -21.98 5.51
N ALA A 312 -3.98 -22.64 4.43
CA ALA A 312 -4.79 -23.69 3.82
C ALA A 312 -3.86 -24.66 3.09
N THR A 313 -3.96 -25.95 3.45
CA THR A 313 -3.16 -26.99 2.84
C THR A 313 -3.81 -28.33 3.14
N THR A 314 -3.25 -29.39 2.58
CA THR A 314 -3.77 -30.74 2.79
C THR A 314 -3.19 -31.32 4.08
N ASN A 315 -3.72 -32.48 4.46
CA ASN A 315 -3.32 -33.11 5.72
C ASN A 315 -1.86 -33.58 5.67
N ASN A 316 -1.50 -34.33 4.63
CA ASN A 316 -0.13 -34.82 4.53
C ASN A 316 0.86 -33.70 4.28
N GLU A 317 0.44 -32.63 3.60
CA GLU A 317 1.34 -31.52 3.35
C GLU A 317 1.56 -30.67 4.59
N TYR A 318 0.53 -30.54 5.43
CA TYR A 318 0.70 -29.85 6.71
C TYR A 318 1.61 -30.64 7.64
N ARG A 319 1.42 -31.96 7.69
CA ARG A 319 2.28 -32.81 8.51
C ARG A 319 3.72 -32.75 8.02
N SER A 320 3.93 -32.54 6.73
CA SER A 320 5.29 -32.44 6.21
C SER A 320 5.97 -31.16 6.68
N ILE A 321 5.21 -30.07 6.82
CA ILE A 321 5.78 -28.81 7.30
C ILE A 321 6.14 -28.91 8.77
N VAL A 322 5.21 -29.42 9.58
CA VAL A 322 5.42 -29.49 11.03
C VAL A 322 6.58 -30.41 11.39
N GLU A 323 6.78 -31.48 10.62
CA GLU A 323 7.83 -32.44 10.93
C GLU A 323 9.23 -31.84 10.90
N LYS A 324 9.39 -30.67 10.24
CA LYS A 324 10.71 -30.05 10.12
C LYS A 324 10.69 -28.58 10.53
N ASP A 325 9.67 -28.15 11.27
CA ASP A 325 9.58 -26.75 11.71
C ASP A 325 8.62 -26.69 12.89
N GLY A 326 9.17 -26.78 14.10
CA GLY A 326 8.34 -26.72 15.29
C GLY A 326 7.78 -25.34 15.55
N ALA A 327 8.49 -24.29 15.14
CA ALA A 327 8.00 -22.93 15.34
C ALA A 327 6.73 -22.67 14.54
N PHE A 328 6.57 -23.35 13.40
CA PHE A 328 5.35 -23.20 12.62
C PHE A 328 4.16 -23.82 13.33
N GLU A 329 4.36 -24.96 14.00
CA GLU A 329 3.27 -25.64 14.68
C GLU A 329 2.75 -24.82 15.87
N ARG A 330 3.62 -24.05 16.52
CA ARG A 330 3.23 -23.26 17.67
C ARG A 330 2.48 -21.98 17.32
N ARG A 331 2.47 -21.59 16.05
CA ARG A 331 1.79 -20.36 15.63
C ARG A 331 0.52 -20.62 14.83
N PHE A 332 0.27 -21.84 14.39
CA PHE A 332 -0.87 -22.17 13.56
C PHE A 332 -1.76 -23.20 14.26
N GLN A 333 -3.06 -22.94 14.27
CA GLN A 333 -4.05 -23.83 14.83
C GLN A 333 -4.70 -24.64 13.71
N LYS A 334 -4.69 -25.96 13.87
CA LYS A 334 -5.21 -26.85 12.83
C LYS A 334 -6.73 -26.89 12.88
N ILE A 335 -7.36 -26.74 11.71
CA ILE A 335 -8.82 -26.79 11.57
C ILE A 335 -9.12 -27.70 10.39
N GLU A 336 -9.75 -28.84 10.66
CA GLU A 336 -10.05 -29.81 9.61
C GLU A 336 -11.31 -29.40 8.85
N VAL A 337 -11.25 -29.49 7.53
CA VAL A 337 -12.37 -29.15 6.66
C VAL A 337 -12.64 -30.37 5.77
N ALA A 338 -13.74 -31.06 6.03
CA ALA A 338 -14.09 -32.28 5.32
C ALA A 338 -15.21 -32.01 4.31
N GLU A 339 -15.39 -32.97 3.42
CA GLU A 339 -16.46 -32.86 2.42
C GLU A 339 -17.82 -32.99 3.10
N PRO A 340 -18.83 -32.21 2.65
CA PRO A 340 -20.17 -32.30 3.23
C PRO A 340 -20.66 -33.72 3.49
N SER A 341 -20.42 -34.65 2.56
CA SER A 341 -20.86 -36.02 2.77
C SER A 341 -20.18 -36.63 3.98
N VAL A 342 -18.90 -36.30 4.20
CA VAL A 342 -18.19 -36.82 5.37
C VAL A 342 -18.54 -36.02 6.62
N ARG A 343 -18.78 -34.71 6.47
CA ARG A 343 -19.12 -33.88 7.62
C ARG A 343 -20.46 -34.29 8.23
N GLN A 344 -21.43 -34.67 7.38
CA GLN A 344 -22.72 -35.11 7.90
C GLN A 344 -22.62 -36.46 8.59
N THR A 345 -21.76 -37.34 8.10
CA THR A 345 -21.65 -38.68 8.69
C THR A 345 -20.96 -38.64 10.05
N VAL A 346 -19.91 -37.83 10.17
CA VAL A 346 -19.19 -37.73 11.44
C VAL A 346 -20.10 -37.24 12.55
N ALA A 347 -20.96 -36.25 12.24
CA ALA A 347 -21.86 -35.72 13.25
C ALA A 347 -22.87 -36.75 13.71
N ILE A 348 -23.28 -37.67 12.83
CA ILE A 348 -24.23 -38.70 13.23
C ILE A 348 -23.57 -39.71 14.16
N LEU A 349 -22.32 -40.06 13.90
CA LEU A 349 -21.61 -41.02 14.72
C LEU A 349 -21.15 -40.40 16.03
#